data_2P2I
#
_entry.id   2P2I
#
_cell.length_a   55.42
_cell.length_b   67.06
_cell.length_c   88.51
_cell.angle_alpha   90.00
_cell.angle_beta   94.51
_cell.angle_gamma   90.00
#
_symmetry.space_group_name_H-M   'P 1 21 1'
#
loop_
_entity.id
_entity.type
_entity.pdbx_description
1 polymer 'Vascular endothelial growth factor receptor 2'
2 non-polymer N-(4-phenoxyphenyl)-2-[(pyridin-4-ylmethyl)amino]nicotinamide
3 water water
#
_entity_poly.entity_id   1
_entity_poly.type   'polypeptide(L)'
_entity_poly.pdbx_seq_one_letter_code
;EHAERLPYDASKWEFPRDRLKLGKPLGRGAFGQVIEADAFGIDKTATCRTVAVKMLKEGATHSEHRALMSELKILIHIGH
HLNVVNLLGACTKPGGPLMVIVEFCKFGNLSTYLRSKRNEFVPYKVAPEDLYKDFLTLEHLICYSFQVAKGMEFLASRKC
IHRDLAARNILLSEKNVVKICDFGLARDI(PTR)KDPD(PTR)VRKGDARLPLKWMAPETIFDRVYTIQSDVWSFGVLLW
EIFSLGASPYPGVKIDEEFCRRLKEGTRMRAPDYTTPEMYQTMLDCWHGEPSQRPTFSELVEHLGNLLQANAQQDRHHHH
HH
;
_entity_poly.pdbx_strand_id   A,B
#
# COMPACT_ATOMS: atom_id res chain seq x y z
N ALA A 3 3.27 -31.88 7.66
CA ALA A 3 2.65 -30.91 6.72
C ALA A 3 2.35 -31.55 5.37
N GLU A 4 3.39 -32.07 4.71
CA GLU A 4 3.22 -32.72 3.41
C GLU A 4 2.33 -33.94 3.55
N ARG A 5 2.15 -34.41 4.79
CA ARG A 5 1.32 -35.57 5.04
C ARG A 5 -0.15 -35.17 5.03
N LEU A 6 -0.44 -33.95 5.49
CA LEU A 6 -1.81 -33.45 5.51
C LEU A 6 -2.30 -33.41 4.07
N PRO A 7 -3.58 -33.73 3.84
CA PRO A 7 -4.14 -33.73 2.49
C PRO A 7 -4.64 -32.35 2.05
N TYR A 8 -5.09 -32.28 0.80
CA TYR A 8 -5.64 -31.05 0.26
C TYR A 8 -6.90 -31.35 -0.55
N ASP A 9 -8.05 -30.99 -0.02
CA ASP A 9 -9.29 -31.22 -0.74
C ASP A 9 -9.44 -30.05 -1.70
N ALA A 10 -8.91 -30.23 -2.91
CA ALA A 10 -8.96 -29.19 -3.93
C ALA A 10 -10.40 -28.87 -4.30
N SER A 11 -11.24 -29.89 -4.24
CA SER A 11 -12.65 -29.75 -4.59
C SER A 11 -13.36 -28.72 -3.69
N LYS A 12 -12.87 -28.57 -2.48
CA LYS A 12 -13.48 -27.62 -1.55
C LYS A 12 -12.81 -26.24 -1.51
N TRP A 13 -11.50 -26.16 -1.74
CA TRP A 13 -10.81 -24.87 -1.63
C TRP A 13 -10.31 -24.19 -2.89
N GLU A 14 -9.99 -24.97 -3.92
CA GLU A 14 -9.44 -24.42 -5.15
C GLU A 14 -10.30 -23.27 -5.68
N PHE A 15 -9.63 -22.21 -6.11
CA PHE A 15 -10.28 -21.02 -6.65
C PHE A 15 -9.52 -20.64 -7.91
N PRO A 16 -10.23 -20.21 -8.96
CA PRO A 16 -9.72 -19.80 -10.27
C PRO A 16 -8.92 -18.51 -10.25
N ARG A 17 -7.68 -18.57 -10.70
CA ARG A 17 -6.82 -17.39 -10.72
C ARG A 17 -7.38 -16.22 -11.54
N ASP A 18 -8.18 -16.51 -12.56
CA ASP A 18 -8.72 -15.43 -13.37
C ASP A 18 -9.98 -14.81 -12.77
N ARG A 19 -10.25 -15.12 -11.52
CA ARG A 19 -11.41 -14.54 -10.85
C ARG A 19 -10.92 -13.64 -9.72
N LEU A 20 -9.61 -13.38 -9.76
CA LEU A 20 -8.95 -12.52 -8.80
C LEU A 20 -8.32 -11.33 -9.52
N LYS A 21 -8.56 -10.13 -9.02
CA LYS A 21 -7.97 -8.91 -9.58
C LYS A 21 -6.98 -8.39 -8.53
N LEU A 22 -5.71 -8.69 -8.72
CA LEU A 22 -4.70 -8.27 -7.75
C LEU A 22 -4.69 -6.76 -7.54
N GLY A 23 -4.40 -6.35 -6.32
CA GLY A 23 -4.36 -4.93 -6.00
C GLY A 23 -3.04 -4.45 -5.43
N LYS A 24 -3.15 -3.54 -4.48
CA LYS A 24 -1.99 -2.94 -3.84
C LYS A 24 -1.31 -3.89 -2.84
N PRO A 25 0.00 -3.77 -2.69
CA PRO A 25 0.80 -4.60 -1.78
C PRO A 25 0.48 -4.29 -0.30
N LEU A 26 0.17 -5.31 0.49
CA LEU A 26 -0.13 -5.13 1.90
C LEU A 26 1.12 -5.49 2.66
N GLY A 27 2.09 -6.07 1.96
CA GLY A 27 3.33 -6.45 2.62
C GLY A 27 4.40 -7.00 1.69
N ARG A 28 5.57 -7.28 2.24
CA ARG A 28 6.67 -7.81 1.45
C ARG A 28 7.61 -8.60 2.35
N GLY A 29 8.19 -9.64 1.80
CA GLY A 29 9.16 -10.45 2.53
C GLY A 29 10.28 -10.91 1.63
N ALA A 30 10.98 -11.95 2.05
CA ALA A 30 12.07 -12.48 1.23
C ALA A 30 11.55 -13.56 0.27
N PHE A 31 10.32 -14.00 0.53
CA PHE A 31 9.66 -15.04 -0.24
C PHE A 31 8.77 -14.52 -1.33
N GLY A 32 8.06 -13.44 -1.04
CA GLY A 32 7.14 -12.87 -2.01
C GLY A 32 6.39 -11.72 -1.40
N GLN A 33 5.08 -11.84 -1.31
CA GLN A 33 4.29 -10.74 -0.76
C GLN A 33 2.84 -11.08 -0.48
N VAL A 34 2.18 -10.16 0.23
CA VAL A 34 0.77 -10.30 0.55
C VAL A 34 0.12 -9.12 -0.16
N ILE A 35 -0.79 -9.41 -1.07
CA ILE A 35 -1.48 -8.40 -1.85
C ILE A 35 -2.97 -8.38 -1.54
N GLU A 36 -3.55 -7.19 -1.59
CA GLU A 36 -4.99 -7.06 -1.37
C GLU A 36 -5.57 -7.37 -2.75
N ALA A 37 -6.81 -7.83 -2.80
CA ALA A 37 -7.40 -8.14 -4.10
C ALA A 37 -8.90 -8.36 -4.09
N ASP A 38 -9.49 -8.34 -5.27
CA ASP A 38 -10.92 -8.58 -5.42
C ASP A 38 -11.11 -9.98 -5.98
N ALA A 39 -11.93 -10.76 -5.27
CA ALA A 39 -12.23 -12.12 -5.70
C ALA A 39 -13.70 -12.13 -6.10
N PHE A 40 -13.99 -12.68 -7.28
CA PHE A 40 -15.36 -12.76 -7.76
C PHE A 40 -15.92 -14.15 -7.54
N GLY A 41 -16.94 -14.25 -6.70
CA GLY A 41 -17.56 -15.53 -6.42
C GLY A 41 -16.83 -16.48 -5.50
N ILE A 42 -15.92 -15.98 -4.67
CA ILE A 42 -15.17 -16.84 -3.73
C ILE A 42 -16.14 -17.26 -2.62
N ASP A 43 -16.84 -16.27 -2.09
CA ASP A 43 -17.83 -16.44 -1.02
C ASP A 43 -18.78 -17.61 -1.29
N THR A 47 -20.97 -12.05 -6.84
CA THR A 47 -20.59 -10.98 -5.90
C THR A 47 -19.07 -10.81 -5.86
N CYS A 48 -18.62 -9.62 -5.46
CA CYS A 48 -17.20 -9.32 -5.37
C CYS A 48 -16.79 -8.98 -3.94
N ARG A 49 -15.80 -9.71 -3.42
CA ARG A 49 -15.30 -9.48 -2.06
C ARG A 49 -13.81 -9.15 -2.03
N THR A 50 -13.40 -8.27 -1.12
CA THR A 50 -11.99 -7.94 -1.03
C THR A 50 -11.34 -8.99 -0.16
N VAL A 51 -10.15 -9.42 -0.57
CA VAL A 51 -9.42 -10.46 0.15
C VAL A 51 -7.94 -10.14 0.16
N ALA A 52 -7.20 -10.92 0.93
CA ALA A 52 -5.75 -10.77 1.03
C ALA A 52 -5.16 -12.05 0.46
N VAL A 53 -4.17 -11.91 -0.42
CA VAL A 53 -3.56 -13.06 -1.09
C VAL A 53 -2.07 -13.20 -0.82
N LYS A 54 -1.63 -14.39 -0.46
CA LYS A 54 -0.21 -14.58 -0.26
C LYS A 54 0.26 -15.39 -1.45
N MET A 55 1.37 -14.99 -2.05
CA MET A 55 1.90 -15.66 -3.21
C MET A 55 3.42 -15.61 -3.26
N LEU A 56 4.00 -16.52 -4.04
CA LEU A 56 5.44 -16.56 -4.21
C LEU A 56 5.75 -15.80 -5.50
N THR A 61 13.95 -21.66 -3.56
CA THR A 61 12.56 -21.28 -3.51
C THR A 61 11.79 -22.54 -3.16
N HIS A 62 12.38 -23.70 -3.47
CA HIS A 62 11.76 -25.01 -3.25
C HIS A 62 11.23 -25.06 -1.83
N SER A 63 12.09 -24.59 -0.92
CA SER A 63 11.85 -24.58 0.53
C SER A 63 10.73 -23.66 0.94
N GLU A 64 10.58 -22.59 0.19
CA GLU A 64 9.56 -21.59 0.42
C GLU A 64 8.20 -22.03 -0.10
N HIS A 65 8.21 -22.75 -1.21
CA HIS A 65 6.98 -23.23 -1.81
C HIS A 65 6.29 -24.22 -0.86
N ARG A 66 7.05 -25.13 -0.28
CA ARG A 66 6.46 -26.11 0.63
C ARG A 66 6.00 -25.42 1.91
N ALA A 67 6.61 -24.29 2.22
CA ALA A 67 6.25 -23.55 3.40
C ALA A 67 4.89 -22.91 3.17
N LEU A 68 4.67 -22.37 1.98
CA LEU A 68 3.39 -21.73 1.68
C LEU A 68 2.28 -22.79 1.60
N MET A 69 2.63 -23.96 1.10
CA MET A 69 1.68 -25.06 0.99
C MET A 69 1.35 -25.61 2.37
N SER A 70 2.31 -25.56 3.28
CA SER A 70 2.08 -26.04 4.62
C SER A 70 1.16 -25.09 5.37
N GLU A 71 1.30 -23.80 5.10
CA GLU A 71 0.45 -22.80 5.75
C GLU A 71 -0.98 -23.07 5.28
N LEU A 72 -1.14 -23.30 3.97
CA LEU A 72 -2.46 -23.58 3.42
C LEU A 72 -3.00 -24.85 4.07
N LYS A 73 -2.17 -25.88 4.06
CA LYS A 73 -2.50 -27.19 4.62
C LYS A 73 -2.96 -27.08 6.08
N ILE A 74 -2.25 -26.28 6.87
CA ILE A 74 -2.59 -26.12 8.28
C ILE A 74 -3.86 -25.31 8.55
N LEU A 75 -4.11 -24.27 7.75
CA LEU A 75 -5.30 -23.46 7.94
C LEU A 75 -6.57 -24.27 7.66
N ILE A 76 -6.46 -25.25 6.77
CA ILE A 76 -7.57 -26.12 6.42
C ILE A 76 -7.78 -27.15 7.52
N HIS A 77 -6.67 -27.64 8.07
CA HIS A 77 -6.71 -28.62 9.14
C HIS A 77 -7.28 -28.03 10.43
N ILE A 78 -6.81 -26.84 10.76
CA ILE A 78 -7.24 -26.15 11.96
C ILE A 78 -8.74 -25.81 12.01
N GLY A 79 -9.30 -25.43 10.88
CA GLY A 79 -10.71 -25.09 10.87
C GLY A 79 -10.97 -23.62 11.11
N HIS A 80 -12.22 -23.29 11.38
CA HIS A 80 -12.62 -21.91 11.60
C HIS A 80 -12.75 -21.48 13.07
N HIS A 81 -12.23 -20.30 13.36
CA HIS A 81 -12.35 -19.70 14.69
C HIS A 81 -12.48 -18.21 14.43
N LEU A 82 -13.44 -17.58 15.09
CA LEU A 82 -13.68 -16.15 14.91
C LEU A 82 -12.44 -15.29 15.07
N ASN A 83 -11.49 -15.72 15.89
CA ASN A 83 -10.32 -14.91 16.13
C ASN A 83 -9.03 -15.30 15.41
N VAL A 84 -9.19 -15.96 14.28
CA VAL A 84 -8.05 -16.37 13.46
C VAL A 84 -8.47 -16.09 12.02
N VAL A 85 -7.59 -15.45 11.27
CA VAL A 85 -7.87 -15.11 9.89
C VAL A 85 -8.51 -16.29 9.13
N ASN A 86 -9.69 -16.07 8.55
CA ASN A 86 -10.37 -17.14 7.84
C ASN A 86 -9.89 -17.36 6.42
N LEU A 87 -9.65 -18.63 6.11
CA LEU A 87 -9.21 -19.04 4.80
C LEU A 87 -10.45 -19.11 3.92
N LEU A 88 -10.32 -18.59 2.70
CA LEU A 88 -11.41 -18.58 1.75
C LEU A 88 -11.09 -19.48 0.55
N GLY A 89 -9.81 -19.65 0.25
CA GLY A 89 -9.45 -20.48 -0.87
C GLY A 89 -7.98 -20.47 -1.24
N ALA A 90 -7.68 -21.10 -2.37
CA ALA A 90 -6.31 -21.17 -2.85
C ALA A 90 -6.22 -21.55 -4.32
N CYS A 91 -5.13 -21.12 -4.94
CA CYS A 91 -4.84 -21.41 -6.32
C CYS A 91 -3.63 -22.34 -6.29
N THR A 92 -3.85 -23.64 -6.46
CA THR A 92 -2.73 -24.58 -6.42
C THR A 92 -2.53 -25.39 -7.71
N LYS A 93 -3.55 -25.51 -8.54
CA LYS A 93 -3.38 -26.25 -9.77
C LYS A 93 -2.51 -25.51 -10.78
N PRO A 94 -1.88 -26.26 -11.70
CA PRO A 94 -1.00 -25.68 -12.72
C PRO A 94 -1.64 -24.53 -13.51
N GLY A 95 -0.79 -23.63 -14.01
CA GLY A 95 -1.27 -22.50 -14.78
C GLY A 95 -0.79 -21.16 -14.23
N GLY A 96 -0.49 -21.13 -12.94
CA GLY A 96 -0.03 -19.90 -12.32
C GLY A 96 0.68 -20.14 -11.00
N PRO A 97 1.06 -19.07 -10.29
CA PRO A 97 1.74 -19.24 -9.01
C PRO A 97 0.78 -19.72 -7.92
N LEU A 98 1.37 -20.19 -6.82
CA LEU A 98 0.61 -20.68 -5.67
C LEU A 98 0.14 -19.45 -4.89
N MET A 99 -1.15 -19.41 -4.57
CA MET A 99 -1.72 -18.29 -3.85
C MET A 99 -2.63 -18.79 -2.75
N VAL A 100 -2.53 -18.18 -1.57
CA VAL A 100 -3.38 -18.54 -0.44
C VAL A 100 -4.26 -17.31 -0.19
N ILE A 101 -5.57 -17.54 -0.14
CA ILE A 101 -6.56 -16.47 0.01
C ILE A 101 -7.34 -16.43 1.32
N VAL A 102 -7.34 -15.28 1.99
CA VAL A 102 -8.07 -15.14 3.25
C VAL A 102 -8.90 -13.88 3.29
N GLU A 103 -9.71 -13.75 4.35
CA GLU A 103 -10.54 -12.57 4.54
C GLU A 103 -9.63 -11.37 4.64
N PHE A 104 -10.09 -10.23 4.13
CA PHE A 104 -9.32 -9.00 4.17
C PHE A 104 -9.70 -8.20 5.41
N CYS A 105 -8.71 -7.87 6.25
CA CYS A 105 -8.99 -7.09 7.46
C CYS A 105 -8.68 -5.64 7.14
N LYS A 106 -9.73 -4.92 6.78
CA LYS A 106 -9.65 -3.52 6.39
C LYS A 106 -8.86 -2.54 7.27
N PHE A 107 -9.00 -2.62 8.59
CA PHE A 107 -8.33 -1.70 9.50
C PHE A 107 -6.84 -1.86 9.82
N GLY A 108 -6.21 -2.93 9.32
CA GLY A 108 -4.78 -3.11 9.54
C GLY A 108 -4.33 -3.76 10.83
N ASN A 109 -3.01 -3.77 11.05
CA ASN A 109 -2.46 -4.37 12.26
C ASN A 109 -2.77 -3.52 13.49
N LEU A 110 -3.07 -4.22 14.60
CA LEU A 110 -3.44 -3.59 15.85
C LEU A 110 -2.46 -2.53 16.36
N SER A 111 -1.17 -2.81 16.27
CA SER A 111 -0.16 -1.86 16.72
C SER A 111 -0.37 -0.50 16.06
N THR A 112 -0.45 -0.51 14.73
CA THR A 112 -0.64 0.72 13.99
C THR A 112 -1.99 1.37 14.33
N TYR A 113 -3.01 0.58 14.60
CA TYR A 113 -4.29 1.15 14.93
C TYR A 113 -4.27 1.93 16.25
N LEU A 114 -3.71 1.33 17.29
CA LEU A 114 -3.61 1.92 18.62
C LEU A 114 -2.74 3.16 18.70
N ARG A 115 -1.66 3.17 17.93
CA ARG A 115 -0.78 4.32 17.91
C ARG A 115 -1.59 5.51 17.41
N SER A 116 -2.53 5.22 16.52
CA SER A 116 -3.36 6.25 15.95
C SER A 116 -4.47 6.78 16.87
N LYS A 117 -4.83 6.02 17.91
CA LYS A 117 -5.89 6.43 18.83
C LYS A 117 -5.37 6.94 20.17
N ARG A 118 -4.14 7.40 20.22
CA ARG A 118 -3.60 7.91 21.48
C ARG A 118 -4.29 9.14 22.01
N ASN A 119 -4.94 9.92 21.15
CA ASN A 119 -5.64 11.11 21.60
C ASN A 119 -7.13 10.85 21.71
N GLU A 120 -7.52 9.64 21.34
CA GLU A 120 -8.91 9.20 21.40
C GLU A 120 -9.09 8.09 22.42
N PHE A 121 -8.59 8.31 23.62
CA PHE A 121 -8.73 7.32 24.68
C PHE A 121 -9.28 7.89 25.97
N VAL A 122 -10.19 7.12 26.56
CA VAL A 122 -10.82 7.47 27.82
C VAL A 122 -11.00 6.10 28.49
N PRO A 123 -10.77 6.01 29.81
CA PRO A 123 -10.91 4.71 30.49
C PRO A 123 -12.27 4.06 30.37
N TYR A 124 -13.31 4.89 30.42
CA TYR A 124 -14.69 4.43 30.31
C TYR A 124 -15.52 5.64 29.90
N LYS A 125 -16.75 5.40 29.47
CA LYS A 125 -17.61 6.48 29.03
C LYS A 125 -18.80 6.77 29.96
N VAL A 126 -19.15 8.05 30.03
CA VAL A 126 -20.28 8.53 30.82
C VAL A 126 -20.98 9.59 29.95
N ALA A 127 -22.27 9.80 30.19
CA ALA A 127 -23.03 10.80 29.42
C ALA A 127 -22.39 12.17 29.59
N PRO A 128 -22.35 13.00 28.53
CA PRO A 128 -22.85 12.77 27.17
C PRO A 128 -21.85 11.93 26.39
N GLU A 129 -22.17 10.64 26.28
CA GLU A 129 -21.33 9.65 25.58
C GLU A 129 -20.88 10.12 24.20
N ASP A 130 -21.43 11.25 23.76
CA ASP A 130 -21.07 11.81 22.46
C ASP A 130 -19.65 12.30 22.39
N LEU A 131 -19.14 12.84 23.48
CA LEU A 131 -17.76 13.35 23.50
C LEU A 131 -16.76 12.24 23.25
N TYR A 132 -17.24 11.02 23.27
CA TYR A 132 -16.37 9.86 23.07
C TYR A 132 -16.72 9.02 21.85
N LYS A 133 -17.28 9.64 20.82
CA LYS A 133 -17.64 8.94 19.60
C LYS A 133 -16.43 8.22 19.02
N ASP A 134 -16.53 6.89 18.92
CA ASP A 134 -15.46 6.07 18.37
C ASP A 134 -14.14 6.28 19.12
N PHE A 135 -14.23 6.20 20.44
CA PHE A 135 -13.09 6.36 21.34
C PHE A 135 -12.70 4.98 21.87
N LEU A 136 -11.44 4.84 22.28
CA LEU A 136 -10.99 3.57 22.86
C LEU A 136 -11.17 3.64 24.37
N THR A 137 -11.53 2.52 24.98
CA THR A 137 -11.72 2.45 26.43
C THR A 137 -11.02 1.21 27.01
N LEU A 138 -11.08 1.06 28.33
CA LEU A 138 -10.47 -0.12 28.94
C LEU A 138 -11.17 -1.37 28.42
N GLU A 139 -12.49 -1.27 28.22
CA GLU A 139 -13.30 -2.37 27.71
C GLU A 139 -12.75 -2.85 26.39
N HIS A 140 -12.31 -1.91 25.55
CA HIS A 140 -11.75 -2.25 24.25
C HIS A 140 -10.46 -3.01 24.41
N LEU A 141 -9.50 -2.39 25.10
CA LEU A 141 -8.20 -2.98 25.32
C LEU A 141 -8.28 -4.37 25.94
N ILE A 142 -9.10 -4.54 26.99
CA ILE A 142 -9.24 -5.86 27.64
C ILE A 142 -9.90 -6.86 26.70
N CYS A 143 -10.78 -6.37 25.84
CA CYS A 143 -11.46 -7.24 24.89
C CYS A 143 -10.52 -7.74 23.80
N TYR A 144 -9.61 -6.89 23.31
CA TYR A 144 -8.68 -7.33 22.28
C TYR A 144 -7.80 -8.44 22.85
N SER A 145 -7.42 -8.30 24.12
CA SER A 145 -6.57 -9.28 24.77
C SER A 145 -7.31 -10.60 24.94
N PHE A 146 -8.55 -10.49 25.39
CA PHE A 146 -9.40 -11.65 25.61
C PHE A 146 -9.52 -12.44 24.31
N GLN A 147 -9.80 -11.73 23.20
CA GLN A 147 -9.93 -12.36 21.89
C GLN A 147 -8.66 -13.00 21.38
N VAL A 148 -7.53 -12.32 21.54
CA VAL A 148 -6.28 -12.91 21.09
C VAL A 148 -6.01 -14.16 21.93
N ALA A 149 -6.34 -14.11 23.21
CA ALA A 149 -6.13 -15.28 24.08
C ALA A 149 -7.02 -16.44 23.61
N LYS A 150 -8.25 -16.13 23.19
CA LYS A 150 -9.15 -17.18 22.73
C LYS A 150 -8.64 -17.83 21.45
N GLY A 151 -8.08 -17.01 20.56
CA GLY A 151 -7.56 -17.53 19.31
C GLY A 151 -6.32 -18.37 19.56
N MET A 152 -5.55 -18.00 20.57
CA MET A 152 -4.34 -18.74 20.90
C MET A 152 -4.71 -20.05 21.61
N GLU A 153 -5.80 -20.02 22.38
CA GLU A 153 -6.25 -21.24 23.07
C GLU A 153 -6.64 -22.21 21.94
N PHE A 154 -7.33 -21.68 20.94
CA PHE A 154 -7.76 -22.44 19.78
C PHE A 154 -6.57 -23.07 19.07
N LEU A 155 -5.55 -22.26 18.76
CA LEU A 155 -4.34 -22.74 18.07
C LEU A 155 -3.50 -23.70 18.90
N ALA A 156 -3.37 -23.42 20.19
CA ALA A 156 -2.60 -24.26 21.10
C ALA A 156 -3.29 -25.62 21.27
N SER A 157 -4.61 -25.62 21.21
CA SER A 157 -5.37 -26.86 21.35
C SER A 157 -5.06 -27.78 20.18
N ARG A 158 -4.70 -27.19 19.04
CA ARG A 158 -4.35 -27.95 17.85
C ARG A 158 -2.86 -28.20 17.76
N LYS A 159 -2.14 -28.07 18.86
CA LYS A 159 -0.69 -28.28 18.85
C LYS A 159 0.05 -27.30 17.94
N CYS A 160 -0.61 -26.18 17.61
CA CYS A 160 -0.03 -25.15 16.75
C CYS A 160 0.72 -24.06 17.51
N ILE A 161 1.99 -23.89 17.15
CA ILE A 161 2.84 -22.87 17.75
C ILE A 161 2.92 -21.73 16.73
N HIS A 162 2.49 -20.53 17.12
CA HIS A 162 2.53 -19.40 16.20
C HIS A 162 3.95 -18.94 15.87
N ARG A 163 4.79 -18.83 16.88
CA ARG A 163 6.18 -18.43 16.69
C ARG A 163 6.46 -16.94 16.47
N ASP A 164 5.43 -16.16 16.14
CA ASP A 164 5.61 -14.73 15.93
C ASP A 164 4.45 -13.88 16.47
N LEU A 165 3.94 -14.25 17.63
CA LEU A 165 2.83 -13.53 18.24
C LEU A 165 3.31 -12.13 18.61
N ALA A 166 2.62 -11.12 18.11
CA ALA A 166 3.00 -9.73 18.36
C ALA A 166 1.92 -8.86 17.75
N ALA A 167 1.81 -7.63 18.24
CA ALA A 167 0.80 -6.68 17.75
C ALA A 167 0.78 -6.49 16.23
N ARG A 168 1.94 -6.55 15.59
CA ARG A 168 1.98 -6.38 14.14
C ARG A 168 1.30 -7.57 13.42
N ASN A 169 1.10 -8.67 14.14
CA ASN A 169 0.47 -9.83 13.54
C ASN A 169 -0.96 -10.06 13.97
N ILE A 170 -1.59 -9.02 14.53
CA ILE A 170 -2.99 -9.08 14.91
C ILE A 170 -3.65 -8.02 14.05
N LEU A 171 -4.79 -8.35 13.44
CA LEU A 171 -5.48 -7.41 12.57
C LEU A 171 -6.84 -7.07 13.09
N LEU A 172 -7.23 -5.81 12.92
CA LEU A 172 -8.52 -5.32 13.39
C LEU A 172 -9.57 -5.45 12.30
N SER A 173 -10.68 -6.12 12.62
CA SER A 173 -11.76 -6.31 11.65
C SER A 173 -12.96 -5.39 11.94
N GLU A 174 -14.14 -5.81 11.49
CA GLU A 174 -15.35 -5.03 11.69
C GLU A 174 -15.94 -5.31 13.08
N LYS A 175 -16.48 -4.26 13.71
CA LYS A 175 -17.10 -4.36 15.03
C LYS A 175 -16.17 -4.89 16.12
N ASN A 176 -14.99 -4.29 16.19
CA ASN A 176 -13.98 -4.64 17.17
C ASN A 176 -13.64 -6.11 17.29
N VAL A 177 -13.50 -6.77 16.15
CA VAL A 177 -13.15 -8.17 16.16
C VAL A 177 -11.69 -8.26 15.75
N VAL A 178 -10.87 -8.89 16.59
CA VAL A 178 -9.47 -9.02 16.22
C VAL A 178 -9.15 -10.43 15.74
N LYS A 179 -8.21 -10.52 14.81
CA LYS A 179 -7.83 -11.81 14.25
C LYS A 179 -6.32 -12.03 14.22
N ILE A 180 -5.92 -13.22 14.65
CA ILE A 180 -4.52 -13.60 14.65
C ILE A 180 -4.15 -13.91 13.20
N CYS A 181 -3.03 -13.36 12.74
CA CYS A 181 -2.62 -13.62 11.38
C CYS A 181 -1.11 -13.80 11.33
N ASP A 182 -0.56 -13.73 10.13
CA ASP A 182 0.87 -13.87 9.98
C ASP A 182 1.27 -13.42 8.57
N PHE A 183 2.00 -12.32 8.49
CA PHE A 183 2.43 -11.81 7.19
C PHE A 183 3.58 -12.61 6.58
N GLY A 184 4.32 -13.34 7.41
CA GLY A 184 5.46 -14.09 6.88
C GLY A 184 5.18 -15.51 6.41
N LEU A 185 6.25 -16.26 6.16
CA LEU A 185 6.12 -17.65 5.73
C LEU A 185 6.34 -18.60 6.90
N ALA A 186 5.26 -19.22 7.36
CA ALA A 186 5.29 -20.16 8.49
C ALA A 186 5.88 -21.52 8.08
N LEU A 203 16.66 -10.62 14.32
CA LEU A 203 15.66 -11.45 14.99
C LEU A 203 14.67 -10.63 15.82
N PRO A 204 13.41 -11.09 15.88
CA PRO A 204 12.34 -10.42 16.64
C PRO A 204 12.55 -10.66 18.14
N LEU A 205 13.74 -10.28 18.61
CA LEU A 205 14.17 -10.46 20.00
C LEU A 205 13.27 -9.90 21.09
N LYS A 206 12.61 -8.77 20.83
CA LYS A 206 11.75 -8.17 21.83
C LYS A 206 10.49 -8.98 22.16
N TRP A 207 10.18 -9.98 21.34
CA TRP A 207 9.01 -10.83 21.56
C TRP A 207 9.41 -12.26 21.89
N MET A 208 10.70 -12.57 21.78
CA MET A 208 11.19 -13.92 22.04
C MET A 208 11.51 -14.25 23.50
N ALA A 209 11.01 -15.39 23.96
CA ALA A 209 11.26 -15.83 25.34
C ALA A 209 12.72 -16.27 25.49
N PRO A 210 13.26 -16.19 26.71
CA PRO A 210 14.64 -16.56 27.01
C PRO A 210 15.06 -17.92 26.45
N GLU A 211 14.19 -18.92 26.58
CA GLU A 211 14.55 -20.25 26.10
C GLU A 211 14.59 -20.31 24.58
N THR A 212 13.93 -19.36 23.94
CA THR A 212 13.88 -19.33 22.49
C THR A 212 15.10 -18.60 21.94
N ILE A 213 15.60 -17.67 22.73
CA ILE A 213 16.76 -16.89 22.38
C ILE A 213 18.02 -17.69 22.61
N PHE A 214 18.07 -18.40 23.72
CA PHE A 214 19.25 -19.18 24.10
C PHE A 214 19.22 -20.66 23.73
N ASP A 215 18.04 -21.25 23.73
CA ASP A 215 17.95 -22.67 23.39
C ASP A 215 17.31 -22.90 22.04
N ARG A 216 16.93 -21.82 21.36
CA ARG A 216 16.33 -21.90 20.03
C ARG A 216 15.11 -22.80 20.02
N VAL A 217 14.50 -22.99 21.17
CA VAL A 217 13.34 -23.83 21.27
C VAL A 217 12.07 -23.01 21.11
N TYR A 218 11.06 -23.59 20.47
CA TYR A 218 9.78 -22.94 20.26
C TYR A 218 8.66 -23.80 20.80
N THR A 219 7.99 -23.33 21.83
CA THR A 219 6.91 -24.09 22.44
C THR A 219 5.67 -23.24 22.62
N ILE A 220 4.61 -23.84 23.12
CA ILE A 220 3.39 -23.11 23.38
C ILE A 220 3.71 -22.12 24.50
N GLN A 221 4.62 -22.53 25.39
CA GLN A 221 5.02 -21.69 26.52
C GLN A 221 5.79 -20.45 26.04
N SER A 222 6.47 -20.56 24.91
CA SER A 222 7.20 -19.42 24.33
C SER A 222 6.15 -18.44 23.87
N ASP A 223 5.12 -18.98 23.20
CA ASP A 223 4.02 -18.17 22.70
C ASP A 223 3.30 -17.48 23.86
N VAL A 224 3.29 -18.09 25.05
CA VAL A 224 2.64 -17.43 26.19
C VAL A 224 3.44 -16.20 26.58
N TRP A 225 4.76 -16.31 26.50
CA TRP A 225 5.65 -15.20 26.81
C TRP A 225 5.32 -14.08 25.83
N SER A 226 5.29 -14.42 24.55
CA SER A 226 5.01 -13.42 23.52
C SER A 226 3.68 -12.73 23.73
N PHE A 227 2.70 -13.49 24.23
CA PHE A 227 1.38 -12.95 24.48
C PHE A 227 1.50 -11.84 25.51
N GLY A 228 2.41 -12.02 26.45
CA GLY A 228 2.63 -11.01 27.48
C GLY A 228 3.13 -9.72 26.86
N VAL A 229 4.02 -9.84 25.88
CA VAL A 229 4.56 -8.66 25.23
C VAL A 229 3.46 -7.97 24.41
N LEU A 230 2.61 -8.78 23.79
CA LEU A 230 1.52 -8.22 23.01
C LEU A 230 0.65 -7.41 23.99
N LEU A 231 0.43 -8.01 25.16
CA LEU A 231 -0.36 -7.40 26.24
C LEU A 231 0.19 -6.02 26.57
N TRP A 232 1.50 -5.93 26.75
CA TRP A 232 2.17 -4.69 27.04
C TRP A 232 1.92 -3.71 25.89
N GLU A 233 2.06 -4.19 24.65
CA GLU A 233 1.82 -3.37 23.48
C GLU A 233 0.40 -2.80 23.44
N ILE A 234 -0.60 -3.62 23.79
CA ILE A 234 -1.98 -3.15 23.77
C ILE A 234 -2.26 -2.06 24.80
N PHE A 235 -1.74 -2.24 26.03
CA PHE A 235 -1.93 -1.27 27.10
C PHE A 235 -0.89 -0.16 27.15
N SER A 236 -0.20 0.04 26.04
CA SER A 236 0.77 1.13 25.93
C SER A 236 0.27 1.84 24.68
N LEU A 237 -0.79 1.28 24.10
CA LEU A 237 -1.39 1.79 22.88
C LEU A 237 -0.41 1.86 21.71
N GLY A 238 0.06 0.69 21.27
CA GLY A 238 0.97 0.62 20.14
C GLY A 238 2.43 1.02 20.30
N ALA A 239 2.92 1.12 21.53
CA ALA A 239 4.31 1.48 21.73
C ALA A 239 5.20 0.27 21.44
N SER A 240 6.48 0.50 21.18
CA SER A 240 7.36 -0.62 20.91
C SER A 240 7.86 -1.13 22.27
N PRO A 241 8.07 -2.45 22.40
CA PRO A 241 8.55 -3.01 23.66
C PRO A 241 9.93 -2.54 24.06
N TYR A 242 10.19 -2.54 25.37
CA TYR A 242 11.47 -2.14 25.93
C TYR A 242 11.89 -0.75 25.46
N PRO A 243 11.14 0.28 25.85
CA PRO A 243 11.41 1.67 25.48
C PRO A 243 12.81 2.19 25.86
N GLY A 244 13.51 2.70 24.86
CA GLY A 244 14.85 3.24 25.08
C GLY A 244 15.88 2.23 25.54
N VAL A 245 15.96 1.09 24.87
CA VAL A 245 16.93 0.07 25.24
C VAL A 245 17.56 -0.52 24.00
N LYS A 246 18.87 -0.68 24.02
CA LYS A 246 19.59 -1.23 22.88
C LYS A 246 19.43 -2.74 22.91
N ILE A 247 18.86 -3.32 21.86
CA ILE A 247 18.68 -4.77 21.81
C ILE A 247 20.00 -5.41 21.46
N ASP A 248 20.72 -5.90 22.47
CA ASP A 248 22.01 -6.52 22.26
C ASP A 248 22.27 -7.71 23.19
N GLU A 249 23.53 -8.09 23.31
CA GLU A 249 23.95 -9.20 24.18
C GLU A 249 23.41 -8.97 25.58
N GLU A 250 23.66 -7.77 26.09
CA GLU A 250 23.25 -7.36 27.42
C GLU A 250 21.75 -7.47 27.61
N PHE A 251 21.00 -6.98 26.63
CA PHE A 251 19.56 -7.04 26.69
C PHE A 251 19.13 -8.46 26.99
N CYS A 252 19.70 -9.39 26.24
CA CYS A 252 19.41 -10.82 26.39
C CYS A 252 19.87 -11.38 27.72
N ARG A 253 21.07 -11.03 28.14
CA ARG A 253 21.61 -11.50 29.41
C ARG A 253 20.70 -11.09 30.57
N ARG A 254 20.13 -9.89 30.48
CA ARG A 254 19.24 -9.38 31.52
C ARG A 254 17.88 -10.06 31.50
N LEU A 255 17.41 -10.44 30.31
CA LEU A 255 16.13 -11.13 30.21
C LEU A 255 16.25 -12.47 30.88
N LYS A 256 17.43 -13.06 30.72
CA LYS A 256 17.69 -14.36 31.31
C LYS A 256 17.93 -14.20 32.82
N GLU A 257 18.42 -13.04 33.24
CA GLU A 257 18.69 -12.84 34.65
C GLU A 257 17.48 -12.34 35.44
N GLY A 258 16.35 -12.07 34.78
CA GLY A 258 15.20 -11.64 35.55
C GLY A 258 14.60 -10.29 35.25
N THR A 259 15.31 -9.42 34.52
CA THR A 259 14.81 -8.09 34.18
C THR A 259 13.54 -8.09 33.30
N ARG A 260 12.59 -7.24 33.68
CA ARG A 260 11.31 -7.15 32.99
C ARG A 260 10.91 -5.69 32.71
N MET A 261 10.09 -5.48 31.68
CA MET A 261 9.58 -4.14 31.34
C MET A 261 8.76 -3.58 32.52
N ARG A 262 8.68 -2.26 32.61
CA ARG A 262 7.89 -1.59 33.65
C ARG A 262 6.47 -1.44 33.07
N ALA A 263 5.45 -1.41 33.93
CA ALA A 263 4.06 -1.29 33.46
C ALA A 263 3.85 -0.12 32.49
N PRO A 264 3.11 -0.34 31.40
CA PRO A 264 2.82 0.67 30.38
C PRO A 264 1.82 1.71 30.89
N ASP A 265 1.74 2.84 30.19
CA ASP A 265 0.86 3.95 30.57
C ASP A 265 -0.64 3.69 30.73
N TYR A 266 -1.20 2.78 29.95
CA TYR A 266 -2.64 2.56 30.06
C TYR A 266 -3.06 1.25 30.71
N THR A 267 -2.17 0.66 31.51
CA THR A 267 -2.48 -0.60 32.14
C THR A 267 -3.27 -0.47 33.45
N THR A 268 -3.84 -1.58 33.91
CA THR A 268 -4.55 -1.62 35.18
C THR A 268 -3.63 -2.55 35.97
N PRO A 269 -3.68 -2.50 37.30
CA PRO A 269 -2.81 -3.38 38.09
C PRO A 269 -2.87 -4.88 37.82
N GLU A 270 -4.07 -5.42 37.63
CA GLU A 270 -4.23 -6.86 37.37
C GLU A 270 -3.67 -7.25 36.02
N MET A 271 -3.82 -6.35 35.05
CA MET A 271 -3.32 -6.61 33.72
C MET A 271 -1.79 -6.67 33.70
N TYR A 272 -1.13 -5.75 34.40
CA TYR A 272 0.33 -5.75 34.44
C TYR A 272 0.84 -7.00 35.14
N GLN A 273 0.10 -7.47 36.14
CA GLN A 273 0.50 -8.66 36.84
C GLN A 273 0.30 -9.88 35.92
N THR A 274 -0.62 -9.76 34.96
CA THR A 274 -0.84 -10.86 34.04
C THR A 274 0.37 -10.93 33.14
N MET A 275 0.85 -9.74 32.77
CA MET A 275 2.04 -9.61 31.94
C MET A 275 3.20 -10.28 32.63
N LEU A 276 3.32 -10.02 33.93
CA LEU A 276 4.40 -10.61 34.71
C LEU A 276 4.29 -12.12 34.84
N ASP A 277 3.06 -12.66 34.89
CA ASP A 277 2.92 -14.11 34.99
C ASP A 277 3.38 -14.73 33.67
N CYS A 278 3.06 -14.07 32.56
CA CYS A 278 3.45 -14.54 31.24
C CYS A 278 4.95 -14.50 31.06
N TRP A 279 5.59 -13.55 31.74
CA TRP A 279 7.03 -13.41 31.63
C TRP A 279 7.81 -14.23 32.66
N HIS A 280 7.15 -15.19 33.29
CA HIS A 280 7.82 -16.03 34.27
C HIS A 280 9.05 -16.72 33.63
N GLY A 281 10.14 -16.79 34.39
CA GLY A 281 11.36 -17.41 33.90
C GLY A 281 11.20 -18.88 33.56
N GLU A 282 10.53 -19.63 34.43
CA GLU A 282 10.30 -21.05 34.19
C GLU A 282 9.06 -21.18 33.33
N PRO A 283 9.22 -21.68 32.09
CA PRO A 283 8.12 -21.86 31.15
C PRO A 283 6.95 -22.63 31.75
N SER A 284 7.27 -23.67 32.53
CA SER A 284 6.24 -24.49 33.16
C SER A 284 5.39 -23.72 34.17
N GLN A 285 5.93 -22.65 34.71
CA GLN A 285 5.18 -21.86 35.69
C GLN A 285 4.35 -20.74 35.04
N ARG A 286 4.29 -20.70 33.73
CA ARG A 286 3.51 -19.68 33.07
C ARG A 286 2.08 -20.17 32.93
N PRO A 287 1.12 -19.23 32.89
CA PRO A 287 -0.25 -19.71 32.74
C PRO A 287 -0.43 -20.31 31.35
N THR A 288 -1.42 -21.19 31.18
CA THR A 288 -1.69 -21.77 29.86
C THR A 288 -2.62 -20.78 29.19
N PHE A 289 -2.87 -20.95 27.90
CA PHE A 289 -3.77 -20.01 27.24
C PHE A 289 -5.19 -20.20 27.76
N SER A 290 -5.51 -21.41 28.23
CA SER A 290 -6.85 -21.65 28.79
C SER A 290 -7.03 -20.83 30.07
N GLU A 291 -5.98 -20.77 30.88
CA GLU A 291 -6.06 -20.00 32.12
C GLU A 291 -6.16 -18.51 31.78
N LEU A 292 -5.40 -18.10 30.75
CA LEU A 292 -5.42 -16.70 30.32
C LEU A 292 -6.79 -16.29 29.81
N VAL A 293 -7.49 -17.21 29.15
CA VAL A 293 -8.81 -16.92 28.63
C VAL A 293 -9.80 -16.70 29.78
N GLU A 294 -9.75 -17.59 30.77
CA GLU A 294 -10.64 -17.49 31.92
C GLU A 294 -10.31 -16.25 32.75
N HIS A 295 -9.02 -15.98 32.93
CA HIS A 295 -8.60 -14.82 33.70
C HIS A 295 -9.02 -13.51 33.02
N LEU A 296 -8.60 -13.34 31.76
CA LEU A 296 -8.94 -12.15 31.00
C LEU A 296 -10.45 -12.02 30.97
N GLY A 297 -11.13 -13.13 30.76
CA GLY A 297 -12.58 -13.11 30.73
C GLY A 297 -13.17 -12.50 32.00
N ASN A 298 -12.62 -12.82 33.16
CA ASN A 298 -13.14 -12.26 34.41
C ASN A 298 -12.88 -10.76 34.50
N LEU A 299 -11.67 -10.35 34.13
CA LEU A 299 -11.32 -8.94 34.16
C LEU A 299 -12.28 -8.14 33.30
N LEU A 300 -12.59 -8.67 32.11
CA LEU A 300 -13.53 -7.98 31.21
C LEU A 300 -14.88 -7.89 31.91
N GLN A 301 -15.24 -8.95 32.62
CA GLN A 301 -16.51 -8.98 33.33
C GLN A 301 -16.49 -7.92 34.44
N ALA A 302 -15.40 -7.87 35.21
CA ALA A 302 -15.28 -6.89 36.28
C ALA A 302 -15.27 -5.47 35.72
N ASN A 303 -14.63 -5.27 34.57
CA ASN A 303 -14.60 -3.94 33.97
C ASN A 303 -16.02 -3.53 33.58
N ALA A 304 -16.75 -4.46 32.95
CA ALA A 304 -18.12 -4.21 32.53
C ALA A 304 -18.93 -3.79 33.74
N GLN A 305 -18.82 -4.56 34.81
CA GLN A 305 -19.53 -4.25 36.05
C GLN A 305 -19.33 -2.80 36.49
N GLN A 306 -18.07 -2.40 36.60
CA GLN A 306 -17.69 -1.05 37.00
C GLN A 306 -18.22 0.02 36.05
N ASP A 307 -18.04 -0.18 34.74
CA ASP A 307 -18.53 0.80 33.77
C ASP A 307 -20.03 0.99 33.92
N ARG A 308 -20.74 -0.07 34.27
CA ARG A 308 -22.18 0.07 34.44
C ARG A 308 -22.39 1.09 35.57
N HIS A 309 -21.77 0.85 36.72
CA HIS A 309 -21.91 1.77 37.83
C HIS A 309 -21.41 3.18 37.52
N HIS A 310 -20.29 3.29 36.80
CA HIS A 310 -19.80 4.63 36.48
C HIS A 310 -20.86 5.32 35.64
N HIS A 311 -21.36 4.61 34.62
CA HIS A 311 -22.36 5.19 33.74
C HIS A 311 -23.63 5.60 34.49
N HIS A 312 -24.00 4.81 35.48
CA HIS A 312 -25.19 5.05 36.27
C HIS A 312 -25.07 6.19 37.27
N HIS A 313 -23.91 6.32 37.93
CA HIS A 313 -23.73 7.39 38.91
C HIS A 313 -23.48 8.75 38.26
N HIS A 314 -22.98 8.74 37.04
CA HIS A 314 -22.70 9.99 36.35
C HIS A 314 -23.34 10.05 34.97
N LEU B 6 12.14 -0.41 -36.18
CA LEU B 6 11.91 -1.17 -34.92
C LEU B 6 11.09 -2.43 -35.18
N PRO B 7 11.63 -3.59 -34.81
CA PRO B 7 10.94 -4.89 -35.01
C PRO B 7 9.84 -5.12 -33.98
N TYR B 8 8.99 -6.11 -34.25
CA TYR B 8 7.91 -6.45 -33.33
C TYR B 8 7.96 -7.93 -33.00
N ASP B 9 8.20 -8.25 -31.73
CA ASP B 9 8.28 -9.65 -31.31
C ASP B 9 6.90 -10.12 -30.82
N ALA B 10 6.09 -10.60 -31.75
CA ALA B 10 4.75 -11.06 -31.43
C ALA B 10 4.70 -12.19 -30.42
N SER B 11 5.85 -12.76 -30.10
CA SER B 11 5.89 -13.87 -29.16
C SER B 11 5.92 -13.39 -27.70
N LYS B 12 6.44 -12.19 -27.50
CA LYS B 12 6.56 -11.59 -26.18
C LYS B 12 5.52 -10.51 -25.94
N TRP B 13 4.71 -10.20 -26.96
CA TRP B 13 3.71 -9.14 -26.82
C TRP B 13 2.29 -9.40 -27.32
N GLU B 14 2.14 -10.26 -28.32
CA GLU B 14 0.81 -10.51 -28.88
C GLU B 14 -0.20 -11.08 -27.87
N PHE B 15 -1.33 -10.42 -27.74
CA PHE B 15 -2.35 -10.85 -26.80
C PHE B 15 -3.65 -11.18 -27.51
N PRO B 16 -4.19 -12.38 -27.25
CA PRO B 16 -5.45 -12.84 -27.86
C PRO B 16 -6.63 -11.90 -27.59
N ARG B 17 -7.22 -11.38 -28.66
CA ARG B 17 -8.37 -10.49 -28.54
C ARG B 17 -9.53 -11.14 -27.77
N ASP B 18 -9.64 -12.46 -27.87
CA ASP B 18 -10.71 -13.19 -27.20
C ASP B 18 -10.60 -13.17 -25.68
N ARG B 19 -9.40 -12.98 -25.15
CA ARG B 19 -9.20 -12.93 -23.71
C ARG B 19 -9.14 -11.49 -23.22
N LEU B 20 -9.80 -10.59 -23.94
CA LEU B 20 -9.80 -9.17 -23.59
C LEU B 20 -11.21 -8.60 -23.66
N LYS B 21 -11.85 -8.41 -22.51
CA LYS B 21 -13.20 -7.85 -22.49
C LYS B 21 -13.18 -6.32 -22.43
N LEU B 22 -13.78 -5.67 -23.42
CA LEU B 22 -13.84 -4.22 -23.48
C LEU B 22 -14.90 -3.63 -22.56
N GLY B 23 -14.58 -2.51 -21.94
CA GLY B 23 -15.53 -1.85 -21.04
C GLY B 23 -15.90 -0.44 -21.48
N LYS B 24 -15.93 0.49 -20.53
CA LYS B 24 -16.27 1.89 -20.82
C LYS B 24 -15.10 2.70 -21.35
N PRO B 25 -15.38 3.76 -22.11
CA PRO B 25 -14.35 4.63 -22.69
C PRO B 25 -13.65 5.46 -21.62
N LEU B 26 -12.45 5.91 -21.93
CA LEU B 26 -11.68 6.73 -21.01
C LEU B 26 -11.30 8.01 -21.73
N GLY B 27 -11.60 8.06 -23.02
CA GLY B 27 -11.29 9.22 -23.83
C GLY B 27 -11.53 9.00 -25.32
N ARG B 28 -11.88 10.08 -26.01
CA ARG B 28 -12.12 10.04 -27.46
C ARG B 28 -11.23 11.14 -28.04
N GLY B 29 -10.87 11.00 -29.32
CA GLY B 29 -10.03 11.99 -29.95
C GLY B 29 -10.05 11.92 -31.46
N GLN B 33 -9.11 6.74 -29.54
CA GLN B 33 -10.03 6.20 -28.53
C GLN B 33 -9.38 5.25 -27.50
N VAL B 34 -9.60 5.52 -26.22
CA VAL B 34 -9.05 4.72 -25.14
C VAL B 34 -10.17 4.06 -24.35
N ILE B 35 -10.01 2.78 -24.02
CA ILE B 35 -11.06 2.06 -23.31
C ILE B 35 -10.62 1.15 -22.17
N GLU B 36 -11.32 1.25 -21.03
CA GLU B 36 -11.03 0.40 -19.89
C GLU B 36 -11.42 -1.03 -20.27
N ALA B 37 -10.66 -2.01 -19.80
CA ALA B 37 -10.96 -3.41 -20.15
C ALA B 37 -10.32 -4.39 -19.19
N ASP B 38 -10.84 -5.62 -19.17
CA ASP B 38 -10.30 -6.68 -18.32
C ASP B 38 -9.51 -7.62 -19.20
N ALA B 39 -8.27 -7.91 -18.83
CA ALA B 39 -7.45 -8.82 -19.62
C ALA B 39 -7.11 -10.06 -18.79
N PHE B 40 -7.53 -11.22 -19.28
CA PHE B 40 -7.27 -12.47 -18.59
C PHE B 40 -5.92 -13.08 -18.96
N GLY B 41 -5.04 -13.18 -17.97
CA GLY B 41 -3.73 -13.76 -18.17
C GLY B 41 -2.77 -13.00 -19.06
N ILE B 42 -2.77 -11.68 -18.97
CA ILE B 42 -1.84 -10.90 -19.77
C ILE B 42 -0.47 -10.93 -19.12
N ASP B 43 -0.44 -11.33 -17.85
CA ASP B 43 0.83 -11.42 -17.13
C ASP B 43 1.01 -12.77 -16.46
N LYS B 44 2.24 -13.03 -16.02
CA LYS B 44 2.60 -14.29 -15.38
C LYS B 44 1.78 -14.72 -14.16
N THR B 45 0.94 -13.85 -13.61
CA THR B 45 0.15 -14.25 -12.45
C THR B 45 -1.10 -15.01 -12.88
N ALA B 46 -1.40 -14.92 -14.18
CA ALA B 46 -2.57 -15.58 -14.78
C ALA B 46 -3.89 -15.13 -14.16
N THR B 47 -3.89 -13.97 -13.50
CA THR B 47 -5.11 -13.45 -12.87
C THR B 47 -5.80 -12.45 -13.80
N CYS B 48 -6.94 -11.93 -13.36
CA CYS B 48 -7.65 -10.94 -14.16
C CYS B 48 -7.11 -9.55 -13.81
N ARG B 49 -6.71 -8.81 -14.83
CA ARG B 49 -6.15 -7.48 -14.62
C ARG B 49 -6.92 -6.43 -15.42
N THR B 50 -7.09 -5.25 -14.83
CA THR B 50 -7.77 -4.17 -15.52
C THR B 50 -6.72 -3.40 -16.32
N VAL B 51 -6.98 -3.19 -17.60
CA VAL B 51 -6.04 -2.49 -18.47
C VAL B 51 -6.72 -1.41 -19.31
N ALA B 52 -5.87 -0.51 -19.83
CA ALA B 52 -6.33 0.56 -20.71
C ALA B 52 -5.93 0.15 -22.12
N VAL B 53 -6.85 0.29 -23.07
CA VAL B 53 -6.56 -0.11 -24.44
C VAL B 53 -6.80 0.99 -25.47
N LYS B 54 -5.76 1.28 -26.25
CA LYS B 54 -5.87 2.30 -27.27
C LYS B 54 -6.11 1.61 -28.61
N MET B 55 -7.05 2.15 -29.37
CA MET B 55 -7.39 1.62 -30.70
C MET B 55 -8.05 2.74 -31.49
N LEU B 56 -8.50 2.43 -32.71
CA LEU B 56 -9.15 3.42 -33.56
C LEU B 56 -10.32 2.77 -34.31
N THR B 61 -7.67 5.68 -41.14
CA THR B 61 -6.69 6.00 -42.17
C THR B 61 -5.31 5.43 -41.82
N HIS B 62 -4.55 5.03 -42.84
CA HIS B 62 -3.21 4.45 -42.62
C HIS B 62 -2.28 5.32 -41.78
N SER B 63 -2.43 6.63 -41.89
CA SER B 63 -1.62 7.57 -41.13
C SER B 63 -1.89 7.36 -39.64
N GLU B 64 -3.17 7.22 -39.31
CA GLU B 64 -3.58 7.00 -37.94
C GLU B 64 -3.02 5.66 -37.43
N HIS B 65 -3.05 4.65 -38.29
CA HIS B 65 -2.56 3.32 -37.95
C HIS B 65 -1.05 3.27 -37.72
N ARG B 66 -0.31 4.07 -38.50
CA ARG B 66 1.14 4.13 -38.38
C ARG B 66 1.51 4.83 -37.08
N ALA B 67 0.70 5.79 -36.69
CA ALA B 67 0.95 6.54 -35.46
C ALA B 67 0.81 5.61 -34.25
N LEU B 68 -0.30 4.87 -34.21
CA LEU B 68 -0.56 3.94 -33.14
C LEU B 68 0.53 2.87 -33.12
N MET B 69 0.96 2.39 -34.29
CA MET B 69 2.01 1.37 -34.34
C MET B 69 3.30 1.95 -33.78
N SER B 70 3.54 3.22 -34.07
CA SER B 70 4.73 3.89 -33.58
C SER B 70 4.71 3.90 -32.06
N GLU B 71 3.55 4.24 -31.50
CA GLU B 71 3.46 4.27 -30.05
C GLU B 71 3.87 2.90 -29.55
N LEU B 72 3.27 1.86 -30.10
CA LEU B 72 3.60 0.47 -29.71
C LEU B 72 5.10 0.23 -29.80
N LYS B 73 5.66 0.45 -30.98
CA LYS B 73 7.08 0.26 -31.23
C LYS B 73 7.96 0.94 -30.18
N ILE B 74 7.67 2.19 -29.87
CA ILE B 74 8.47 2.93 -28.89
C ILE B 74 8.28 2.44 -27.45
N LEU B 75 7.05 2.16 -27.05
CA LEU B 75 6.79 1.69 -25.69
C LEU B 75 7.53 0.39 -25.43
N ILE B 76 7.82 -0.35 -26.50
CA ILE B 76 8.54 -1.60 -26.38
C ILE B 76 10.03 -1.30 -26.27
N HIS B 77 10.47 -0.30 -27.02
CA HIS B 77 11.87 0.12 -27.06
C HIS B 77 12.42 0.63 -25.73
N ILE B 78 12.00 1.83 -25.32
CA ILE B 78 12.44 2.46 -24.08
C ILE B 78 12.60 1.51 -22.89
N GLY B 79 11.71 0.53 -22.78
CA GLY B 79 11.81 -0.42 -21.68
C GLY B 79 10.81 -0.13 -20.60
N HIS B 80 11.13 -0.54 -19.37
CA HIS B 80 10.23 -0.34 -18.25
C HIS B 80 10.76 0.65 -17.22
N HIS B 81 9.84 1.29 -16.51
CA HIS B 81 10.15 2.25 -15.46
C HIS B 81 8.85 2.41 -14.66
N LEU B 82 8.96 2.48 -13.32
CA LEU B 82 7.79 2.59 -12.47
C LEU B 82 7.03 3.92 -12.60
N ASN B 83 7.65 4.88 -13.28
CA ASN B 83 7.00 6.18 -13.46
C ASN B 83 6.54 6.47 -14.89
N VAL B 84 6.30 5.42 -15.66
CA VAL B 84 5.81 5.56 -17.02
C VAL B 84 4.87 4.38 -17.18
N VAL B 85 3.62 4.63 -17.58
CA VAL B 85 2.67 3.55 -17.73
C VAL B 85 3.34 2.48 -18.58
N ASN B 86 3.39 1.26 -18.05
CA ASN B 86 4.06 0.16 -18.73
C ASN B 86 3.15 -0.65 -19.65
N LEU B 87 3.72 -1.02 -20.79
CA LEU B 87 3.04 -1.80 -21.81
C LEU B 87 2.79 -3.23 -21.31
N LEU B 88 1.62 -3.79 -21.62
CA LEU B 88 1.30 -5.15 -21.21
C LEU B 88 1.16 -6.11 -22.39
N GLY B 89 0.76 -5.58 -23.54
CA GLY B 89 0.60 -6.41 -24.73
C GLY B 89 -0.01 -5.64 -25.89
N ALA B 90 -0.21 -6.34 -27.01
CA ALA B 90 -0.78 -5.72 -28.21
C ALA B 90 -1.53 -6.71 -29.08
N CYS B 91 -2.66 -6.28 -29.62
CA CYS B 91 -3.48 -7.12 -30.50
C CYS B 91 -3.23 -6.64 -31.93
N THR B 92 -2.28 -7.29 -32.60
CA THR B 92 -1.91 -6.89 -33.95
C THR B 92 -2.30 -7.82 -35.09
N LYS B 93 -2.24 -9.12 -34.87
CA LYS B 93 -2.58 -10.09 -35.91
C LYS B 93 -3.95 -9.88 -36.55
N PRO B 94 -4.22 -10.56 -37.68
CA PRO B 94 -5.49 -10.46 -38.41
C PRO B 94 -6.73 -10.97 -37.65
N GLY B 95 -7.85 -10.30 -37.87
CA GLY B 95 -9.08 -10.67 -37.21
C GLY B 95 -9.80 -9.47 -36.62
N GLY B 96 -9.03 -8.44 -36.25
CA GLY B 96 -9.63 -7.25 -35.66
C GLY B 96 -8.72 -6.04 -35.68
N PRO B 97 -9.14 -4.94 -35.05
CA PRO B 97 -8.39 -3.68 -34.97
C PRO B 97 -7.11 -3.75 -34.15
N LEU B 98 -6.16 -2.89 -34.48
CA LEU B 98 -4.91 -2.83 -33.75
C LEU B 98 -5.21 -2.30 -32.34
N MET B 99 -4.68 -2.96 -31.32
CA MET B 99 -4.89 -2.50 -29.96
C MET B 99 -3.61 -2.51 -29.15
N VAL B 100 -3.38 -1.42 -28.42
CA VAL B 100 -2.20 -1.30 -27.57
C VAL B 100 -2.71 -1.42 -26.13
N ILE B 101 -2.13 -2.32 -25.36
CA ILE B 101 -2.58 -2.51 -23.99
C ILE B 101 -1.57 -2.10 -22.95
N VAL B 102 -2.01 -1.30 -21.98
CA VAL B 102 -1.15 -0.85 -20.89
C VAL B 102 -1.85 -1.08 -19.56
N GLU B 103 -1.10 -0.94 -18.48
CA GLU B 103 -1.65 -1.10 -17.13
C GLU B 103 -2.61 0.05 -16.83
N PHE B 104 -3.77 -0.27 -16.27
CA PHE B 104 -4.77 0.74 -15.94
C PHE B 104 -4.52 1.43 -14.60
N CYS B 105 -4.60 2.77 -14.60
CA CYS B 105 -4.40 3.55 -13.38
C CYS B 105 -5.75 3.94 -12.76
N LYS B 106 -6.10 3.28 -11.67
CA LYS B 106 -7.37 3.47 -10.98
C LYS B 106 -7.81 4.89 -10.61
N PHE B 107 -6.87 5.77 -10.30
CA PHE B 107 -7.25 7.12 -9.86
C PHE B 107 -7.31 8.28 -10.86
N GLY B 108 -7.16 8.01 -12.15
CA GLY B 108 -7.25 9.07 -13.12
C GLY B 108 -6.09 10.06 -13.08
N ASN B 109 -6.20 11.12 -13.87
CA ASN B 109 -5.15 12.11 -13.95
C ASN B 109 -4.97 12.90 -12.67
N LEU B 110 -3.78 13.45 -12.52
CA LEU B 110 -3.37 14.22 -11.36
C LEU B 110 -4.17 15.50 -11.12
N SER B 111 -4.39 16.27 -12.18
CA SER B 111 -5.12 17.52 -12.04
C SER B 111 -6.50 17.30 -11.43
N THR B 112 -7.28 16.43 -12.03
CA THR B 112 -8.61 16.15 -11.53
C THR B 112 -8.49 15.63 -10.09
N TYR B 113 -7.52 14.76 -9.86
CA TYR B 113 -7.32 14.20 -8.53
C TYR B 113 -7.07 15.29 -7.48
N LEU B 114 -6.12 16.17 -7.79
CA LEU B 114 -5.75 17.27 -6.91
C LEU B 114 -6.88 18.27 -6.66
N ARG B 115 -7.67 18.55 -7.69
CA ARG B 115 -8.79 19.48 -7.53
C ARG B 115 -9.74 18.96 -6.49
N SER B 116 -9.95 17.65 -6.47
CA SER B 116 -10.88 17.05 -5.51
C SER B 116 -10.29 16.82 -4.12
N LYS B 117 -9.01 17.11 -3.94
CA LYS B 117 -8.39 16.89 -2.65
C LYS B 117 -8.15 18.21 -1.93
N ARG B 118 -8.68 19.28 -2.49
CA ARG B 118 -8.49 20.60 -1.91
C ARG B 118 -9.06 20.73 -0.50
N ASN B 119 -10.21 20.12 -0.23
CA ASN B 119 -10.82 20.21 1.09
C ASN B 119 -10.27 19.13 2.03
N GLU B 120 -9.13 18.56 1.67
CA GLU B 120 -8.51 17.53 2.49
C GLU B 120 -6.99 17.64 2.40
N PHE B 121 -6.51 18.87 2.37
CA PHE B 121 -5.07 19.13 2.25
C PHE B 121 -4.55 19.89 3.47
N VAL B 122 -3.36 19.51 3.92
CA VAL B 122 -2.75 20.16 5.05
C VAL B 122 -1.28 20.36 4.74
N PRO B 123 -0.84 21.63 4.71
CA PRO B 123 0.56 21.95 4.40
C PRO B 123 1.54 20.91 4.93
N TYR B 124 1.61 20.73 6.24
CA TYR B 124 2.52 19.75 6.83
C TYR B 124 1.92 19.07 8.04
N LYS B 125 2.20 17.77 8.18
CA LYS B 125 1.70 16.98 9.31
C LYS B 125 2.85 16.68 10.26
N PHE B 135 -5.71 12.49 3.59
CA PHE B 135 -5.18 13.85 3.65
C PHE B 135 -3.93 14.00 2.81
N LEU B 136 -3.89 15.07 2.02
CA LEU B 136 -2.75 15.36 1.16
C LEU B 136 -1.85 16.28 1.98
N THR B 137 -0.54 16.17 1.80
CA THR B 137 0.39 17.04 2.54
C THR B 137 1.32 17.62 1.50
N LEU B 138 2.25 18.48 1.93
CA LEU B 138 3.19 19.07 0.99
C LEU B 138 4.14 17.97 0.53
N GLU B 139 4.36 16.98 1.39
CA GLU B 139 5.27 15.89 1.05
C GLU B 139 4.83 15.13 -0.20
N HIS B 140 3.52 14.95 -0.36
CA HIS B 140 3.02 14.24 -1.53
C HIS B 140 3.30 15.03 -2.80
N LEU B 141 2.94 16.31 -2.79
CA LEU B 141 3.14 17.18 -3.94
C LEU B 141 4.59 17.17 -4.41
N ILE B 142 5.53 17.14 -3.47
CA ILE B 142 6.93 17.11 -3.85
C ILE B 142 7.29 15.74 -4.39
N CYS B 143 6.67 14.71 -3.83
CA CYS B 143 6.89 13.34 -4.24
C CYS B 143 6.34 13.14 -5.65
N TYR B 144 5.23 13.81 -5.95
CA TYR B 144 4.62 13.72 -7.26
C TYR B 144 5.51 14.39 -8.27
N SER B 145 5.97 15.58 -7.93
CA SER B 145 6.87 16.33 -8.79
C SER B 145 8.13 15.52 -9.04
N PHE B 146 8.61 14.89 -7.99
CA PHE B 146 9.81 14.08 -8.05
C PHE B 146 9.68 12.93 -9.04
N GLN B 147 8.72 12.05 -8.77
CA GLN B 147 8.45 10.88 -9.61
C GLN B 147 8.34 11.22 -11.08
N VAL B 148 7.65 12.30 -11.39
CA VAL B 148 7.50 12.69 -12.78
C VAL B 148 8.86 13.07 -13.32
N ALA B 149 9.64 13.78 -12.53
CA ALA B 149 10.96 14.19 -12.96
C ALA B 149 11.80 12.96 -13.26
N LYS B 150 11.62 11.91 -12.47
CA LYS B 150 12.35 10.66 -12.72
C LYS B 150 11.88 10.05 -14.04
N GLY B 151 10.56 10.02 -14.22
CA GLY B 151 10.00 9.49 -15.45
C GLY B 151 10.57 10.19 -16.67
N MET B 152 10.67 11.51 -16.59
CA MET B 152 11.19 12.32 -17.70
C MET B 152 12.68 12.06 -17.91
N GLU B 153 13.40 11.82 -16.83
CA GLU B 153 14.84 11.57 -16.93
C GLU B 153 15.01 10.25 -17.67
N PHE B 154 14.14 9.30 -17.35
CA PHE B 154 14.18 8.00 -18.01
C PHE B 154 13.93 8.21 -19.50
N LEU B 155 12.88 8.96 -19.83
CA LEU B 155 12.55 9.19 -21.23
C LEU B 155 13.61 9.96 -21.99
N ALA B 156 14.20 10.98 -21.36
CA ALA B 156 15.22 11.76 -22.02
C ALA B 156 16.44 10.89 -22.28
N SER B 157 16.74 10.01 -21.33
CA SER B 157 17.89 9.13 -21.46
C SER B 157 17.73 8.17 -22.63
N ARG B 158 16.55 8.12 -23.21
CA ARG B 158 16.33 7.22 -24.33
C ARG B 158 16.14 8.05 -25.60
N LYS B 159 16.41 9.35 -25.48
CA LYS B 159 16.29 10.27 -26.61
C LYS B 159 14.84 10.42 -27.08
N CYS B 160 13.90 10.36 -26.14
CA CYS B 160 12.48 10.51 -26.44
C CYS B 160 11.98 11.87 -25.97
N ILE B 161 10.90 12.34 -26.59
CA ILE B 161 10.28 13.62 -26.24
C ILE B 161 8.79 13.35 -26.05
N HIS B 162 8.23 13.76 -24.91
CA HIS B 162 6.81 13.54 -24.66
C HIS B 162 5.93 14.43 -25.52
N ARG B 163 6.29 15.71 -25.59
CA ARG B 163 5.56 16.71 -26.38
C ARG B 163 4.19 17.15 -25.87
N ASP B 164 3.68 16.50 -24.83
CA ASP B 164 2.38 16.88 -24.29
C ASP B 164 2.37 16.70 -22.76
N LEU B 165 3.45 17.15 -22.14
CA LEU B 165 3.59 17.04 -20.68
C LEU B 165 2.62 17.99 -19.99
N ALA B 166 1.74 17.42 -19.17
CA ALA B 166 0.76 18.21 -18.44
C ALA B 166 0.05 17.31 -17.45
N ALA B 167 -0.43 17.91 -16.35
CA ALA B 167 -1.14 17.17 -15.32
C ALA B 167 -2.16 16.19 -15.91
N ARG B 168 -2.83 16.59 -16.99
CA ARG B 168 -3.82 15.73 -17.66
C ARG B 168 -3.24 14.39 -18.10
N ASN B 169 -1.99 14.36 -18.52
CA ASN B 169 -1.36 13.12 -18.95
C ASN B 169 -0.58 12.42 -17.85
N ILE B 170 -0.77 12.88 -16.61
CA ILE B 170 -0.11 12.26 -15.48
C ILE B 170 -1.17 11.46 -14.72
N LEU B 171 -1.02 10.14 -14.66
CA LEU B 171 -2.02 9.34 -13.97
C LEU B 171 -1.57 8.78 -12.62
N LEU B 172 -2.55 8.50 -11.77
CA LEU B 172 -2.30 8.01 -10.42
C LEU B 172 -2.61 6.53 -10.27
N SER B 173 -1.80 5.86 -9.47
CA SER B 173 -1.98 4.44 -9.20
C SER B 173 -1.92 4.20 -7.69
N GLU B 174 -1.79 2.94 -7.32
CA GLU B 174 -1.73 2.53 -5.91
C GLU B 174 -0.43 2.91 -5.24
N LYS B 175 -0.53 3.24 -3.95
CA LYS B 175 0.62 3.61 -3.11
C LYS B 175 1.30 4.94 -3.40
N ASN B 176 0.52 5.95 -3.80
CA ASN B 176 1.09 7.27 -4.09
C ASN B 176 2.07 7.25 -5.27
N VAL B 177 1.74 6.52 -6.31
CA VAL B 177 2.63 6.46 -7.46
C VAL B 177 2.03 7.17 -8.66
N VAL B 178 2.77 8.09 -9.26
CA VAL B 178 2.25 8.76 -10.43
C VAL B 178 2.96 8.21 -11.65
N LYS B 179 2.23 8.14 -12.76
CA LYS B 179 2.81 7.60 -13.98
C LYS B 179 2.61 8.53 -15.17
N ILE B 180 3.67 8.71 -15.96
CA ILE B 180 3.64 9.53 -17.17
C ILE B 180 2.96 8.76 -18.30
N CYS B 181 1.95 9.36 -18.91
CA CYS B 181 1.27 8.70 -20.00
C CYS B 181 0.92 9.70 -21.09
N ASP B 182 0.13 9.26 -22.06
CA ASP B 182 -0.29 10.12 -23.14
C ASP B 182 -1.58 9.60 -23.79
N PHE B 183 -2.63 10.41 -23.74
CA PHE B 183 -3.90 10.05 -24.38
C PHE B 183 -3.79 10.48 -25.84
N PRO B 204 -2.74 23.17 -26.61
CA PRO B 204 -1.88 23.11 -25.43
C PRO B 204 -0.88 24.26 -25.36
N LEU B 205 -1.31 25.45 -25.78
CA LEU B 205 -0.47 26.62 -25.76
C LEU B 205 0.01 26.93 -24.35
N LYS B 206 -0.91 26.79 -23.39
CA LYS B 206 -0.61 27.05 -21.99
C LYS B 206 0.61 26.26 -21.47
N TRP B 207 0.99 25.20 -22.19
CA TRP B 207 2.10 24.34 -21.77
C TRP B 207 3.30 24.35 -22.71
N MET B 208 3.18 25.04 -23.83
CA MET B 208 4.27 25.09 -24.78
C MET B 208 5.26 26.19 -24.45
N ALA B 209 6.54 25.93 -24.71
CA ALA B 209 7.57 26.93 -24.46
C ALA B 209 7.50 27.91 -25.63
N PRO B 210 8.17 29.06 -25.49
CA PRO B 210 8.17 30.06 -26.56
C PRO B 210 8.65 29.50 -27.91
N GLU B 211 9.89 29.01 -27.94
CA GLU B 211 10.45 28.47 -29.16
C GLU B 211 9.49 27.54 -29.91
N THR B 212 8.72 26.76 -29.17
CA THR B 212 7.77 25.83 -29.78
C THR B 212 6.55 26.53 -30.37
N ILE B 213 6.12 27.61 -29.71
CA ILE B 213 4.97 28.36 -30.18
C ILE B 213 5.37 29.19 -31.39
N PHE B 214 6.47 29.92 -31.24
CA PHE B 214 6.99 30.77 -32.30
C PHE B 214 7.70 29.98 -33.39
N ASP B 215 8.82 29.35 -33.02
CA ASP B 215 9.62 28.57 -33.97
C ASP B 215 9.16 27.12 -34.17
N ARG B 216 8.19 26.67 -33.39
CA ARG B 216 7.66 25.30 -33.50
C ARG B 216 8.73 24.20 -33.42
N VAL B 217 9.76 24.42 -32.60
CA VAL B 217 10.86 23.47 -32.44
C VAL B 217 10.50 22.08 -31.91
N TYR B 218 10.38 21.95 -30.59
CA TYR B 218 10.07 20.68 -29.90
C TYR B 218 11.32 19.90 -29.48
N THR B 219 11.90 20.26 -28.34
CA THR B 219 13.09 19.58 -27.85
C THR B 219 12.84 19.01 -26.47
N ILE B 220 13.86 18.37 -25.90
CA ILE B 220 13.73 17.81 -24.57
C ILE B 220 13.78 18.98 -23.58
N GLN B 221 14.29 20.12 -24.06
CA GLN B 221 14.39 21.32 -23.24
C GLN B 221 13.09 22.10 -23.17
N SER B 222 12.23 21.91 -24.17
CA SER B 222 10.95 22.59 -24.14
C SER B 222 10.06 21.75 -23.21
N ASP B 223 10.40 20.47 -23.05
CA ASP B 223 9.66 19.59 -22.14
C ASP B 223 9.91 20.08 -20.71
N VAL B 224 11.14 20.52 -20.45
CA VAL B 224 11.49 21.04 -19.13
C VAL B 224 10.63 22.27 -18.83
N TRP B 225 10.26 23.00 -19.88
CA TRP B 225 9.40 24.15 -19.73
C TRP B 225 8.02 23.61 -19.32
N SER B 226 7.56 22.63 -20.09
CA SER B 226 6.28 22.03 -19.81
C SER B 226 6.29 21.50 -18.39
N PHE B 227 7.39 20.86 -17.99
CA PHE B 227 7.51 20.33 -16.64
C PHE B 227 7.28 21.47 -15.63
N GLY B 228 7.74 22.66 -15.98
CA GLY B 228 7.58 23.83 -15.13
C GLY B 228 6.12 24.18 -14.93
N VAL B 229 5.32 24.05 -15.98
CA VAL B 229 3.90 24.33 -15.88
C VAL B 229 3.21 23.24 -15.07
N LEU B 230 3.74 22.02 -15.15
CA LEU B 230 3.16 20.92 -14.39
C LEU B 230 3.38 21.16 -12.90
N LEU B 231 4.55 21.71 -12.56
CA LEU B 231 4.85 22.00 -11.17
C LEU B 231 3.82 22.99 -10.65
N TRP B 232 3.61 24.06 -11.41
CA TRP B 232 2.64 25.08 -11.04
C TRP B 232 1.26 24.45 -10.78
N GLU B 233 0.84 23.56 -11.69
CA GLU B 233 -0.45 22.86 -11.58
C GLU B 233 -0.56 22.05 -10.30
N ILE B 234 0.53 21.39 -9.91
CA ILE B 234 0.55 20.60 -8.70
C ILE B 234 0.44 21.49 -7.47
N PHE B 235 1.29 22.52 -7.42
CA PHE B 235 1.29 23.42 -6.29
C PHE B 235 0.24 24.49 -6.31
N SER B 236 -0.83 24.22 -7.04
CA SER B 236 -1.97 25.12 -7.16
C SER B 236 -3.16 24.19 -6.95
N LEU B 237 -2.84 22.90 -6.76
CA LEU B 237 -3.80 21.82 -6.58
C LEU B 237 -4.79 21.75 -7.72
N GLY B 238 -4.26 21.56 -8.93
CA GLY B 238 -5.09 21.43 -10.11
C GLY B 238 -5.72 22.68 -10.71
N ALA B 239 -5.11 23.84 -10.49
CA ALA B 239 -5.64 25.07 -11.04
C ALA B 239 -5.24 25.15 -12.51
N SER B 240 -5.95 25.97 -13.27
CA SER B 240 -5.65 26.12 -14.69
C SER B 240 -4.61 27.21 -14.88
N PRO B 241 -3.56 26.93 -15.66
CA PRO B 241 -2.52 27.94 -15.89
C PRO B 241 -2.98 29.23 -16.57
N TYR B 242 -2.26 30.31 -16.27
CA TYR B 242 -2.54 31.64 -16.81
C TYR B 242 -3.98 32.08 -16.57
N PRO B 243 -4.42 32.11 -15.30
CA PRO B 243 -5.79 32.54 -15.03
C PRO B 243 -6.03 33.99 -15.42
N GLY B 244 -7.23 34.26 -15.94
CA GLY B 244 -7.61 35.61 -16.34
C GLY B 244 -7.01 36.13 -17.64
N VAL B 245 -6.22 35.31 -18.32
CA VAL B 245 -5.59 35.72 -19.56
C VAL B 245 -6.20 35.06 -20.78
N LYS B 246 -6.56 35.88 -21.77
CA LYS B 246 -7.12 35.37 -23.02
C LYS B 246 -5.89 34.82 -23.71
N ILE B 247 -5.91 33.53 -24.05
CA ILE B 247 -4.75 32.91 -24.67
C ILE B 247 -4.63 33.07 -26.18
N ASP B 248 -3.58 33.78 -26.60
CA ASP B 248 -3.30 34.01 -28.01
C ASP B 248 -2.25 35.11 -28.23
N GLU B 249 -2.21 35.66 -29.45
CA GLU B 249 -1.25 36.70 -29.82
C GLU B 249 -0.63 37.45 -28.65
N GLU B 250 -1.43 38.26 -27.97
CA GLU B 250 -0.96 39.05 -26.82
C GLU B 250 -0.24 38.21 -25.77
N PHE B 251 -0.80 37.05 -25.47
CA PHE B 251 -0.22 36.13 -24.49
C PHE B 251 1.17 35.72 -24.95
N CYS B 252 1.26 35.18 -26.16
CA CYS B 252 2.52 34.71 -26.73
C CYS B 252 3.62 35.76 -26.70
N ARG B 253 3.31 36.98 -27.16
CA ARG B 253 4.29 38.05 -27.17
C ARG B 253 4.78 38.32 -25.74
N ARG B 254 3.83 38.35 -24.79
CA ARG B 254 4.18 38.61 -23.40
C ARG B 254 5.13 37.56 -22.84
N LEU B 255 5.06 36.35 -23.39
CA LEU B 255 5.95 35.27 -22.97
C LEU B 255 7.35 35.60 -23.44
N LYS B 256 7.45 36.01 -24.70
CA LYS B 256 8.73 36.36 -25.29
C LYS B 256 9.31 37.55 -24.55
N GLU B 257 8.42 38.39 -24.01
CA GLU B 257 8.83 39.57 -23.28
C GLU B 257 9.40 39.24 -21.89
N GLY B 258 8.84 38.22 -21.26
CA GLY B 258 9.34 37.83 -19.95
C GLY B 258 8.26 37.62 -18.90
N THR B 259 7.00 37.63 -19.33
CA THR B 259 5.89 37.44 -18.40
C THR B 259 5.82 35.99 -17.92
N ARG B 260 5.68 35.81 -16.61
CA ARG B 260 5.61 34.49 -16.00
C ARG B 260 4.47 34.44 -14.98
N MET B 261 3.92 33.24 -14.75
CA MET B 261 2.83 33.09 -13.78
C MET B 261 3.28 33.45 -12.37
N ARG B 262 2.33 33.85 -11.54
CA ARG B 262 2.61 34.22 -10.16
C ARG B 262 2.52 32.97 -9.28
N ALA B 263 3.52 32.79 -8.42
CA ALA B 263 3.58 31.62 -7.53
C ALA B 263 2.20 31.17 -7.07
N PRO B 264 1.91 29.87 -7.21
CA PRO B 264 0.60 29.33 -6.79
C PRO B 264 0.39 29.37 -5.28
N ASP B 265 -0.85 29.15 -4.86
CA ASP B 265 -1.24 29.18 -3.46
C ASP B 265 -0.59 28.19 -2.49
N TYR B 266 -0.13 27.04 -2.98
CA TYR B 266 0.49 26.08 -2.08
C TYR B 266 1.97 25.83 -2.28
N THR B 267 2.60 26.59 -3.16
CA THR B 267 4.01 26.39 -3.43
C THR B 267 4.90 26.76 -2.23
N THR B 268 6.19 26.52 -2.36
CA THR B 268 7.15 26.87 -1.33
C THR B 268 8.18 27.72 -2.06
N PRO B 269 8.75 28.73 -1.39
CA PRO B 269 9.75 29.58 -2.04
C PRO B 269 10.69 28.86 -3.02
N GLU B 270 11.35 27.79 -2.57
CA GLU B 270 12.29 27.06 -3.43
C GLU B 270 11.62 26.47 -4.66
N MET B 271 10.45 25.87 -4.46
CA MET B 271 9.72 25.26 -5.56
C MET B 271 9.32 26.27 -6.63
N TYR B 272 8.95 27.48 -6.21
CA TYR B 272 8.57 28.52 -7.15
C TYR B 272 9.77 28.90 -7.99
N GLN B 273 10.91 29.06 -7.32
CA GLN B 273 12.14 29.42 -8.01
C GLN B 273 12.47 28.30 -8.99
N THR B 274 12.09 27.09 -8.64
CA THR B 274 12.33 25.95 -9.52
C THR B 274 11.54 26.17 -10.81
N MET B 275 10.29 26.56 -10.66
CA MET B 275 9.43 26.81 -11.81
C MET B 275 10.06 27.89 -12.70
N LEU B 276 10.63 28.91 -12.09
CA LEU B 276 11.25 29.99 -12.84
C LEU B 276 12.46 29.50 -13.64
N ASP B 277 13.26 28.61 -13.06
CA ASP B 277 14.41 28.10 -13.77
C ASP B 277 13.90 27.38 -15.01
N CYS B 278 12.86 26.57 -14.82
CA CYS B 278 12.27 25.82 -15.91
C CYS B 278 11.72 26.76 -16.97
N TRP B 279 11.31 27.96 -16.56
CA TRP B 279 10.77 28.93 -17.51
C TRP B 279 11.76 30.00 -17.97
N HIS B 280 13.03 29.63 -18.12
CA HIS B 280 14.04 30.56 -18.59
C HIS B 280 13.89 30.68 -20.11
N GLY B 281 13.74 31.90 -20.61
CA GLY B 281 13.60 32.13 -22.03
C GLY B 281 14.69 31.52 -22.90
N GLU B 282 15.77 31.03 -22.25
CA GLU B 282 16.91 30.43 -22.94
C GLU B 282 16.92 28.90 -22.79
N PRO B 283 16.45 28.16 -23.80
CA PRO B 283 16.41 26.70 -23.76
C PRO B 283 17.56 26.01 -23.03
N SER B 284 18.79 26.31 -23.43
CA SER B 284 19.95 25.68 -22.83
C SER B 284 20.30 26.24 -21.45
N GLN B 285 19.40 27.03 -20.89
CA GLN B 285 19.62 27.63 -19.58
C GLN B 285 18.73 26.99 -18.53
N ARG B 286 17.78 26.18 -18.99
CA ARG B 286 16.86 25.48 -18.11
C ARG B 286 17.55 24.23 -17.59
N PRO B 287 17.24 23.82 -16.36
CA PRO B 287 17.90 22.61 -15.86
C PRO B 287 17.50 21.39 -16.67
N THR B 288 18.28 20.33 -16.56
CA THR B 288 17.99 19.10 -17.27
C THR B 288 17.18 18.23 -16.32
N PHE B 289 16.44 17.26 -16.84
CA PHE B 289 15.66 16.40 -15.98
C PHE B 289 16.52 15.68 -14.95
N SER B 290 17.82 15.57 -15.21
CA SER B 290 18.73 14.94 -14.27
C SER B 290 18.93 15.88 -13.08
N GLU B 291 19.20 17.15 -13.36
CA GLU B 291 19.40 18.14 -12.31
C GLU B 291 18.15 18.21 -11.44
N LEU B 292 16.99 18.29 -12.09
CA LEU B 292 15.72 18.37 -11.39
C LEU B 292 15.48 17.16 -10.49
N VAL B 293 16.03 16.01 -10.85
CA VAL B 293 15.85 14.81 -10.04
C VAL B 293 16.62 14.90 -8.73
N GLU B 294 17.85 15.41 -8.79
CA GLU B 294 18.65 15.56 -7.59
C GLU B 294 18.07 16.72 -6.78
N HIS B 295 17.78 17.82 -7.48
CA HIS B 295 17.22 18.99 -6.82
C HIS B 295 16.00 18.59 -6.02
N LEU B 296 14.97 18.09 -6.70
CA LEU B 296 13.75 17.68 -6.02
C LEU B 296 14.01 16.57 -5.02
N GLY B 297 14.98 15.72 -5.30
CA GLY B 297 15.29 14.64 -4.38
C GLY B 297 15.67 15.18 -3.01
N ASN B 298 16.32 16.34 -3.00
CA ASN B 298 16.76 16.96 -1.76
C ASN B 298 15.64 17.72 -1.07
N LEU B 299 14.83 18.44 -1.84
CA LEU B 299 13.73 19.20 -1.26
C LEU B 299 12.78 18.24 -0.56
N LEU B 300 12.79 16.99 -1.01
CA LEU B 300 11.93 15.97 -0.44
C LEU B 300 12.52 15.50 0.89
N GLN B 301 13.82 15.24 0.90
CA GLN B 301 14.50 14.81 2.11
C GLN B 301 14.54 15.99 3.08
N ALA B 302 14.82 17.17 2.56
CA ALA B 302 14.86 18.37 3.38
C ALA B 302 13.45 18.56 3.95
N ASN B 303 12.43 18.38 3.11
CA ASN B 303 11.04 18.51 3.54
C ASN B 303 10.83 17.52 4.68
N ALA B 304 11.52 16.39 4.59
CA ALA B 304 11.43 15.35 5.61
C ALA B 304 12.45 15.62 6.71
#